data_6AJM
#
_entry.id   6AJM
#
_cell.length_a   101.090
_cell.length_b   116.420
_cell.length_c   77.490
_cell.angle_alpha   90.000
_cell.angle_beta   90.000
_cell.angle_gamma   90.000
#
_symmetry.space_group_name_H-M   'P 21 21 2'
#
loop_
_entity.id
_entity.type
_entity.pdbx_description
1 polymer N-acetyltransferase
2 polymer 'DUF1778 domain-containing protein'
3 non-polymer 'TRIETHYLENE GLYCOL'
4 water water
#
loop_
_entity_poly.entity_id
_entity_poly.type
_entity_poly.pdbx_seq_one_letter_code
_entity_poly.pdbx_strand_id
1 'polypeptide(L)'
;MDDLTIEILTDDADYDLQRFDCGEEALNLFLTTHLVRQHRNKILRAYILCRNTPERQVLGYYTLCGSCFERAALPSKSKQ
KKIPYKNIPSVTLGRLAIDRSLQGQGWGATLVAHAMNVVWSASLAVGIHGLFVEALNEKAHTFYKSLGFIPLVGENENAL
FFPTKSIELLFTQSDLEHHHHHH
;
A,B
2 'polypeptide(L)'
;MSAVKKQRIDLRLTDDDKSMIEEAAAISNQSVSQFMLNSASQRAAEVIEQHRRVILNEESWTRVMDALSNPPSPGEKLKR
AAKRLQGM
;
C,D,E,F
#
# COMPACT_ATOMS: atom_id res chain seq x y z
N MET A 1 -7.35 -30.72 -47.03
CA MET A 1 -6.92 -31.06 -45.68
C MET A 1 -5.74 -32.02 -45.70
N ASP A 2 -5.13 -32.15 -46.87
CA ASP A 2 -3.90 -32.91 -47.00
C ASP A 2 -2.74 -32.21 -46.29
N ASP A 3 -2.80 -30.90 -46.20
CA ASP A 3 -1.61 -30.08 -46.05
C ASP A 3 -1.68 -29.20 -44.81
N LEU A 4 -2.20 -29.71 -43.71
CA LEU A 4 -2.30 -28.88 -42.53
C LEU A 4 -0.94 -28.74 -41.87
N THR A 5 -0.72 -27.59 -41.25
CA THR A 5 0.45 -27.34 -40.44
C THR A 5 0.03 -26.45 -39.27
N ILE A 6 0.93 -26.38 -38.30
CA ILE A 6 0.79 -25.56 -37.12
C ILE A 6 1.99 -24.62 -37.11
N GLU A 7 1.73 -23.35 -37.35
CA GLU A 7 2.78 -22.36 -37.42
C GLU A 7 2.52 -21.30 -36.37
N ILE A 8 3.60 -20.70 -35.86
CA ILE A 8 3.41 -19.51 -35.06
C ILE A 8 2.88 -18.42 -35.95
N LEU A 9 1.97 -17.60 -35.44
CA LEU A 9 1.51 -16.43 -36.16
C LEU A 9 2.69 -15.52 -36.47
N THR A 10 2.84 -15.19 -37.74
CA THR A 10 3.84 -14.23 -38.19
C THR A 10 3.22 -12.84 -38.17
N ASP A 11 3.93 -11.88 -37.57
CA ASP A 11 3.31 -10.65 -37.09
C ASP A 11 2.67 -9.78 -38.16
N ASP A 12 2.65 -10.26 -39.42
CA ASP A 12 2.13 -9.47 -40.53
C ASP A 12 0.60 -9.33 -40.54
N ALA A 13 -0.13 -10.23 -39.87
CA ALA A 13 -1.60 -10.25 -39.88
C ALA A 13 -2.14 -10.40 -41.31
N ASP A 14 -1.89 -11.59 -41.88
CA ASP A 14 -2.07 -11.86 -43.31
C ASP A 14 -2.83 -13.16 -43.58
N TYR A 15 -3.67 -13.60 -42.64
CA TYR A 15 -4.42 -14.84 -42.79
C TYR A 15 -5.86 -14.51 -43.15
N ASP A 16 -6.69 -15.55 -43.20
CA ASP A 16 -8.10 -15.43 -43.56
C ASP A 16 -8.95 -15.78 -42.34
N LEU A 17 -9.52 -14.77 -41.69
CA LEU A 17 -10.09 -14.94 -40.36
C LEU A 17 -11.60 -15.18 -40.35
N GLN A 18 -12.38 -14.23 -40.88
CA GLN A 18 -13.82 -14.21 -40.61
C GLN A 18 -14.56 -15.37 -41.25
N ARG A 19 -13.91 -16.14 -42.11
CA ARG A 19 -14.43 -17.42 -42.60
C ARG A 19 -13.90 -18.54 -41.71
N PHE A 20 -14.21 -18.44 -40.41
CA PHE A 20 -13.80 -19.42 -39.42
C PHE A 20 -14.91 -19.52 -38.40
N ASP A 21 -15.30 -20.73 -38.05
CA ASP A 21 -16.41 -20.91 -37.13
C ASP A 21 -16.20 -22.20 -36.36
N CYS A 22 -16.16 -22.09 -35.03
CA CYS A 22 -15.99 -23.26 -34.17
C CYS A 22 -17.27 -23.62 -33.41
N GLY A 23 -18.37 -22.86 -33.56
CA GLY A 23 -19.62 -23.13 -32.90
C GLY A 23 -19.87 -22.33 -31.64
N GLU A 24 -18.81 -21.93 -30.96
CA GLU A 24 -18.84 -21.03 -29.82
C GLU A 24 -18.41 -19.65 -30.29
N GLU A 25 -19.32 -18.67 -30.23
CA GLU A 25 -18.98 -17.38 -30.84
C GLU A 25 -18.01 -16.55 -30.02
N ALA A 26 -17.75 -16.90 -28.76
CA ALA A 26 -16.71 -16.23 -27.99
C ALA A 26 -15.32 -16.50 -28.59
N LEU A 27 -15.04 -17.77 -28.88
CA LEU A 27 -13.75 -18.11 -29.48
C LEU A 27 -13.62 -17.48 -30.87
N ASN A 28 -14.70 -17.49 -31.65
CA ASN A 28 -14.69 -16.87 -32.97
C ASN A 28 -14.41 -15.37 -32.89
N LEU A 29 -15.15 -14.64 -32.06
CA LEU A 29 -14.91 -13.21 -31.94
C LEU A 29 -13.54 -12.92 -31.34
N PHE A 30 -13.08 -13.77 -30.42
CA PHE A 30 -11.73 -13.60 -29.88
C PHE A 30 -10.71 -13.70 -31.00
N LEU A 31 -10.97 -14.54 -31.99
CA LEU A 31 -10.09 -14.56 -33.16
C LEU A 31 -10.27 -13.32 -34.02
N THR A 32 -11.49 -12.78 -34.08
CA THR A 32 -11.81 -11.71 -35.03
C THR A 32 -10.97 -10.46 -34.78
N THR A 33 -10.91 -10.03 -33.53
CA THR A 33 -10.13 -8.87 -33.15
C THR A 33 -9.04 -9.19 -32.14
N HIS A 34 -9.40 -9.91 -31.06
CA HIS A 34 -8.54 -9.97 -29.90
C HIS A 34 -7.24 -10.74 -30.14
N LEU A 35 -7.24 -11.75 -31.02
CA LEU A 35 -6.06 -12.61 -31.10
C LEU A 35 -4.87 -11.87 -31.70
N VAL A 36 -5.06 -11.17 -32.81
CA VAL A 36 -3.91 -10.49 -33.40
C VAL A 36 -3.40 -9.38 -32.50
N ARG A 37 -4.32 -8.60 -31.89
CA ARG A 37 -3.91 -7.50 -31.01
C ARG A 37 -3.22 -8.02 -29.75
N GLN A 38 -3.75 -9.09 -29.14
CA GLN A 38 -3.12 -9.66 -27.98
C GLN A 38 -1.79 -10.32 -28.34
N HIS A 39 -1.64 -10.75 -29.58
CA HIS A 39 -0.38 -11.33 -30.00
C HIS A 39 0.68 -10.27 -30.20
N ARG A 40 0.34 -9.17 -30.87
CA ARG A 40 1.35 -8.16 -31.17
C ARG A 40 1.77 -7.38 -29.94
N ASN A 41 1.01 -7.46 -28.85
CA ASN A 41 1.38 -6.89 -27.56
C ASN A 41 2.18 -7.86 -26.69
N LYS A 42 2.58 -9.01 -27.25
CA LYS A 42 3.20 -10.10 -26.51
C LYS A 42 2.47 -10.36 -25.21
N ILE A 43 1.14 -10.31 -25.25
CA ILE A 43 0.38 -10.88 -24.15
C ILE A 43 0.14 -12.37 -24.44
N LEU A 44 0.28 -12.80 -25.69
CA LEU A 44 0.21 -14.22 -25.96
C LEU A 44 1.06 -14.53 -27.17
N ARG A 45 1.25 -15.84 -27.38
CA ARG A 45 1.84 -16.41 -28.58
C ARG A 45 0.78 -17.25 -29.26
N ALA A 46 0.38 -16.84 -30.46
CA ALA A 46 -0.68 -17.48 -31.20
C ALA A 46 -0.10 -18.52 -32.15
N TYR A 47 -0.67 -19.70 -32.14
CA TYR A 47 -0.30 -20.76 -33.07
C TYR A 47 -1.52 -21.08 -33.91
N ILE A 48 -1.31 -21.17 -35.22
CA ILE A 48 -2.36 -21.24 -36.22
C ILE A 48 -2.28 -22.60 -36.87
N LEU A 49 -3.39 -23.33 -36.82
CA LEU A 49 -3.57 -24.56 -37.58
C LEU A 49 -4.23 -24.19 -38.89
N CYS A 50 -3.50 -24.32 -39.99
CA CYS A 50 -3.94 -23.81 -41.29
C CYS A 50 -3.40 -24.72 -42.37
N ARG A 51 -3.87 -24.49 -43.59
CA ARG A 51 -3.42 -25.26 -44.73
C ARG A 51 -2.15 -24.67 -45.31
N ASN A 52 -1.25 -25.55 -45.77
CA ASN A 52 0.04 -25.17 -46.32
C ASN A 52 -0.12 -24.70 -47.77
N THR A 53 -0.96 -23.68 -47.94
CA THR A 53 -1.29 -23.17 -49.25
C THR A 53 -1.13 -21.67 -49.28
N PRO A 54 -1.07 -21.08 -50.48
CA PRO A 54 -1.01 -19.60 -50.54
C PRO A 54 -2.19 -18.93 -49.86
N GLU A 55 -3.41 -19.45 -50.07
CA GLU A 55 -4.60 -18.84 -49.46
C GLU A 55 -4.52 -18.87 -47.93
N ARG A 56 -4.09 -20.00 -47.35
CA ARG A 56 -3.78 -20.12 -45.91
C ARG A 56 -5.00 -19.79 -45.04
N GLN A 57 -6.01 -20.65 -45.14
CA GLN A 57 -7.17 -20.50 -44.29
C GLN A 57 -6.94 -21.20 -42.96
N VAL A 58 -7.58 -20.67 -41.92
CA VAL A 58 -7.37 -21.11 -40.54
C VAL A 58 -8.40 -22.18 -40.20
N LEU A 59 -7.93 -23.32 -39.68
CA LEU A 59 -8.85 -24.32 -39.16
C LEU A 59 -8.74 -24.49 -37.66
N GLY A 60 -7.74 -23.90 -37.02
CA GLY A 60 -7.61 -23.99 -35.58
C GLY A 60 -6.64 -22.96 -35.07
N TYR A 61 -6.69 -22.72 -33.76
CA TYR A 61 -5.69 -21.86 -33.15
C TYR A 61 -5.60 -22.15 -31.66
N TYR A 62 -4.42 -21.92 -31.11
CA TYR A 62 -4.26 -21.91 -29.66
C TYR A 62 -3.35 -20.77 -29.26
N THR A 63 -3.39 -20.41 -27.98
CA THR A 63 -2.57 -19.33 -27.43
C THR A 63 -1.78 -19.81 -26.22
N LEU A 64 -0.52 -19.37 -26.15
CA LEU A 64 0.37 -19.64 -25.03
C LEU A 64 0.83 -18.33 -24.40
N CYS A 65 0.89 -18.30 -23.07
CA CYS A 65 1.51 -17.17 -22.41
C CYS A 65 2.25 -17.67 -21.19
N GLY A 66 3.19 -16.84 -20.75
CA GLY A 66 3.80 -17.06 -19.47
C GLY A 66 2.82 -16.78 -18.36
N SER A 67 3.08 -17.37 -17.21
CA SER A 67 2.23 -17.16 -16.06
C SER A 67 3.02 -17.60 -14.86
N CYS A 68 2.44 -17.39 -13.69
CA CYS A 68 3.09 -17.78 -12.45
C CYS A 68 1.99 -17.96 -11.41
N PHE A 69 2.29 -18.74 -10.37
CA PHE A 69 1.31 -19.05 -9.34
C PHE A 69 1.86 -18.86 -7.93
N GLU A 70 0.93 -18.76 -6.98
CA GLU A 70 1.25 -18.52 -5.58
C GLU A 70 0.17 -19.16 -4.72
N ARG A 71 0.49 -19.33 -3.42
CA ARG A 71 -0.46 -19.81 -2.43
C ARG A 71 -1.06 -18.62 -1.68
N ALA A 72 -2.23 -18.85 -1.08
CA ALA A 72 -2.99 -17.78 -0.45
C ALA A 72 -2.29 -17.23 0.79
N ALA A 73 -1.89 -18.10 1.72
CA ALA A 73 -1.11 -17.69 2.90
C ALA A 73 -0.48 -18.91 3.54
N LEU A 74 0.86 -18.96 3.56
CA LEU A 74 1.62 -20.08 4.13
C LEU A 74 1.65 -20.03 5.65
N PRO A 75 0.93 -20.92 6.35
CA PRO A 75 0.91 -20.87 7.82
C PRO A 75 1.92 -21.79 8.50
N SER A 76 2.16 -21.53 9.78
CA SER A 76 3.01 -22.36 10.65
C SER A 76 4.41 -22.56 10.10
N LYS A 77 4.93 -21.57 9.35
CA LYS A 77 6.24 -21.72 8.71
C LYS A 77 7.34 -21.12 9.59
N SER A 78 7.41 -21.64 10.81
CA SER A 78 8.59 -21.51 11.65
C SER A 78 9.29 -22.86 11.81
N LYS A 79 9.06 -23.78 10.86
CA LYS A 79 9.55 -25.15 10.98
C LYS A 79 11.07 -25.21 11.02
N GLN A 80 11.73 -24.85 9.91
CA GLN A 80 13.18 -24.67 9.91
C GLN A 80 13.58 -23.26 9.48
N LYS A 81 13.16 -22.83 8.28
CA LYS A 81 13.45 -21.49 7.77
C LYS A 81 12.32 -21.10 6.81
N LYS A 82 12.50 -19.96 6.15
CA LYS A 82 11.52 -19.48 5.18
C LYS A 82 12.26 -18.60 4.17
N ILE A 83 12.63 -19.19 3.03
CA ILE A 83 13.09 -18.43 1.88
C ILE A 83 11.90 -18.22 0.95
N PRO A 84 11.31 -17.02 0.91
CA PRO A 84 10.08 -16.84 0.13
C PRO A 84 10.31 -17.14 -1.35
N TYR A 85 9.21 -17.46 -2.03
CA TYR A 85 9.21 -17.85 -3.44
C TYR A 85 7.93 -17.26 -4.02
N LYS A 86 8.06 -16.09 -4.64
CA LYS A 86 6.90 -15.24 -4.87
C LYS A 86 6.35 -15.27 -6.30
N ASN A 87 7.13 -15.75 -7.27
CA ASN A 87 6.74 -15.66 -8.69
C ASN A 87 6.91 -17.00 -9.41
N ILE A 88 6.34 -18.07 -8.87
CA ILE A 88 6.60 -19.43 -9.36
C ILE A 88 6.21 -19.61 -10.81
N PRO A 89 7.17 -19.92 -11.70
CA PRO A 89 6.92 -19.79 -13.15
C PRO A 89 6.23 -20.99 -13.76
N SER A 90 5.28 -20.69 -14.64
CA SER A 90 4.47 -21.67 -15.33
C SER A 90 4.08 -21.08 -16.68
N VAL A 91 3.39 -21.88 -17.47
CA VAL A 91 2.83 -21.43 -18.74
C VAL A 91 1.35 -21.71 -18.73
N THR A 92 0.57 -20.81 -19.31
CA THR A 92 -0.86 -21.03 -19.50
C THR A 92 -1.20 -21.18 -20.97
N LEU A 93 -2.03 -22.15 -21.28
CA LEU A 93 -2.64 -22.31 -22.59
C LEU A 93 -4.01 -21.66 -22.51
N GLY A 94 -4.12 -20.44 -23.02
CA GLY A 94 -5.30 -19.62 -22.81
C GLY A 94 -6.56 -20.11 -23.48
N ARG A 95 -6.51 -20.26 -24.79
CA ARG A 95 -7.68 -20.76 -25.45
C ARG A 95 -7.28 -21.54 -26.69
N LEU A 96 -8.18 -22.42 -27.11
CA LEU A 96 -7.92 -23.37 -28.15
C LEU A 96 -9.22 -23.57 -28.89
N ALA A 97 -9.21 -23.39 -30.20
CA ALA A 97 -10.42 -23.54 -30.99
C ALA A 97 -10.15 -24.31 -32.27
N ILE A 98 -11.14 -25.12 -32.66
CA ILE A 98 -11.09 -25.93 -33.87
C ILE A 98 -12.27 -25.53 -34.74
N ASP A 99 -12.03 -25.38 -36.03
CA ASP A 99 -13.13 -25.14 -36.94
C ASP A 99 -14.11 -26.31 -36.91
N ARG A 100 -15.41 -26.00 -37.02
CA ARG A 100 -16.42 -27.05 -37.00
C ARG A 100 -16.10 -28.19 -37.98
N SER A 101 -15.41 -27.87 -39.09
CA SER A 101 -15.05 -28.89 -40.08
C SER A 101 -14.19 -29.99 -39.49
N LEU A 102 -13.35 -29.66 -38.52
CA LEU A 102 -12.38 -30.59 -37.96
C LEU A 102 -12.79 -31.14 -36.61
N GLN A 103 -14.05 -30.91 -36.19
CA GLN A 103 -14.56 -31.51 -34.96
C GLN A 103 -14.64 -33.02 -35.10
N GLY A 104 -14.57 -33.70 -33.96
CA GLY A 104 -14.66 -35.15 -33.93
C GLY A 104 -13.50 -35.84 -34.60
N GLN A 105 -12.33 -35.18 -34.67
CA GLN A 105 -11.20 -35.69 -35.44
C GLN A 105 -9.90 -35.60 -34.65
N GLY A 106 -9.96 -35.49 -33.32
CA GLY A 106 -8.76 -35.46 -32.51
C GLY A 106 -7.85 -34.28 -32.73
N TRP A 107 -8.22 -33.34 -33.59
CA TRP A 107 -7.37 -32.17 -33.80
C TRP A 107 -7.23 -31.34 -32.54
N GLY A 108 -8.25 -31.28 -31.69
CA GLY A 108 -8.06 -30.67 -30.39
C GLY A 108 -6.88 -31.25 -29.63
N ALA A 109 -6.84 -32.58 -29.55
CA ALA A 109 -5.77 -33.27 -28.84
C ALA A 109 -4.40 -33.01 -29.49
N THR A 110 -4.31 -33.08 -30.82
CA THR A 110 -2.99 -32.88 -31.43
C THR A 110 -2.52 -31.43 -31.25
N LEU A 111 -3.44 -30.46 -31.27
CA LEU A 111 -3.03 -29.10 -30.93
C LEU A 111 -2.52 -29.02 -29.49
N VAL A 112 -3.23 -29.65 -28.56
CA VAL A 112 -2.76 -29.65 -27.18
C VAL A 112 -1.36 -30.25 -27.11
N ALA A 113 -1.13 -31.35 -27.82
CA ALA A 113 0.18 -31.98 -27.79
C ALA A 113 1.24 -31.05 -28.36
N HIS A 114 0.87 -30.29 -29.40
CA HIS A 114 1.81 -29.37 -30.01
C HIS A 114 2.19 -28.24 -29.05
N ALA A 115 1.19 -27.67 -28.39
CA ALA A 115 1.47 -26.70 -27.35
C ALA A 115 2.40 -27.29 -26.29
N MET A 116 2.16 -28.54 -25.89
CA MET A 116 3.04 -29.13 -24.89
C MET A 116 4.45 -29.31 -25.44
N ASN A 117 4.57 -29.57 -26.74
CA ASN A 117 5.89 -29.65 -27.34
C ASN A 117 6.59 -28.30 -27.31
N VAL A 118 5.87 -27.22 -27.62
CA VAL A 118 6.43 -25.87 -27.51
C VAL A 118 6.85 -25.59 -26.08
N VAL A 119 6.01 -25.96 -25.11
CA VAL A 119 6.32 -25.63 -23.73
C VAL A 119 7.51 -26.43 -23.25
N TRP A 120 7.60 -27.68 -23.69
CA TRP A 120 8.72 -28.52 -23.32
C TRP A 120 10.02 -28.01 -23.93
N SER A 121 9.99 -27.59 -25.19
CA SER A 121 11.16 -26.95 -25.78
C SER A 121 11.56 -25.68 -25.01
N ALA A 122 10.59 -24.87 -24.62
CA ALA A 122 10.93 -23.71 -23.80
C ALA A 122 11.50 -24.13 -22.44
N SER A 123 11.04 -25.27 -21.93
CA SER A 123 11.47 -25.77 -20.62
C SER A 123 12.97 -25.80 -20.48
N LEU A 124 13.67 -26.11 -21.56
CA LEU A 124 15.12 -26.19 -21.55
C LEU A 124 15.79 -24.83 -21.65
N ALA A 125 15.04 -23.77 -21.91
CA ALA A 125 15.63 -22.45 -21.98
C ALA A 125 15.27 -21.58 -20.79
N VAL A 126 14.07 -21.74 -20.23
CA VAL A 126 13.69 -21.06 -19.00
C VAL A 126 13.02 -22.05 -18.07
N GLY A 127 13.05 -21.77 -16.78
CA GLY A 127 12.50 -22.70 -15.82
C GLY A 127 11.01 -22.59 -15.83
N ILE A 128 10.29 -23.70 -16.09
CA ILE A 128 8.84 -23.71 -16.21
C ILE A 128 8.30 -24.95 -15.51
N HIS A 129 7.50 -24.75 -14.47
CA HIS A 129 7.12 -25.90 -13.66
C HIS A 129 5.96 -26.70 -14.25
N GLY A 130 5.10 -26.07 -15.03
CA GLY A 130 3.94 -26.77 -15.56
C GLY A 130 3.07 -25.85 -16.37
N LEU A 131 1.91 -26.38 -16.76
CA LEU A 131 1.03 -25.82 -17.78
C LEU A 131 -0.39 -25.80 -17.26
N PHE A 132 -0.91 -24.60 -16.98
CA PHE A 132 -2.34 -24.41 -16.70
C PHE A 132 -3.12 -24.26 -18.00
N VAL A 133 -4.38 -24.71 -17.97
CA VAL A 133 -5.35 -24.36 -19.03
C VAL A 133 -6.62 -23.88 -18.36
N GLU A 134 -7.36 -23.04 -19.06
CA GLU A 134 -8.64 -22.56 -18.57
C GLU A 134 -9.78 -23.31 -19.27
N ALA A 135 -10.72 -23.80 -18.46
CA ALA A 135 -11.86 -24.57 -18.94
C ALA A 135 -13.12 -23.81 -18.54
N LEU A 136 -13.73 -23.14 -19.52
CA LEU A 136 -14.85 -22.25 -19.25
C LEU A 136 -16.15 -22.99 -18.98
N ASN A 137 -16.27 -24.24 -19.44
CA ASN A 137 -17.54 -24.96 -19.37
C ASN A 137 -17.29 -26.46 -19.24
N GLU A 138 -18.38 -27.21 -19.15
CA GLU A 138 -18.30 -28.64 -18.88
C GLU A 138 -17.54 -29.37 -19.98
N LYS A 139 -17.83 -29.05 -21.24
CA LYS A 139 -17.20 -29.80 -22.33
C LYS A 139 -15.69 -29.57 -22.33
N ALA A 140 -15.25 -28.31 -22.21
CA ALA A 140 -13.83 -28.02 -22.11
C ALA A 140 -13.21 -28.70 -20.89
N HIS A 141 -13.90 -28.64 -19.74
CA HIS A 141 -13.39 -29.26 -18.51
C HIS A 141 -13.08 -30.74 -18.73
N THR A 142 -14.10 -31.54 -19.12
CA THR A 142 -13.88 -32.97 -19.33
C THR A 142 -12.86 -33.23 -20.44
N PHE A 143 -12.90 -32.44 -21.51
CA PHE A 143 -11.92 -32.59 -22.59
C PHE A 143 -10.50 -32.51 -22.04
N TYR A 144 -10.16 -31.42 -21.35
CA TYR A 144 -8.82 -31.29 -20.78
C TYR A 144 -8.56 -32.35 -19.71
N LYS A 145 -9.61 -32.79 -18.99
CA LYS A 145 -9.41 -33.79 -17.95
C LYS A 145 -8.99 -35.12 -18.56
N SER A 146 -9.41 -35.39 -19.79
CA SER A 146 -9.14 -36.67 -20.43
C SER A 146 -7.74 -36.74 -21.03
N LEU A 147 -6.95 -35.67 -20.94
CA LEU A 147 -5.58 -35.69 -21.40
C LEU A 147 -4.57 -35.82 -20.26
N GLY A 148 -5.02 -35.78 -19.02
CA GLY A 148 -4.14 -35.81 -17.87
C GLY A 148 -4.19 -34.57 -17.01
N PHE A 149 -4.84 -33.49 -17.45
CA PHE A 149 -4.88 -32.26 -16.65
C PHE A 149 -5.64 -32.49 -15.34
N ILE A 150 -5.05 -32.04 -14.24
CA ILE A 150 -5.67 -32.21 -12.93
C ILE A 150 -6.57 -31.02 -12.63
N PRO A 151 -7.85 -31.24 -12.32
CA PRO A 151 -8.75 -30.11 -12.00
C PRO A 151 -8.42 -29.49 -10.65
N LEU A 152 -8.62 -28.18 -10.57
CA LEU A 152 -8.48 -27.39 -9.36
C LEU A 152 -9.88 -27.05 -8.87
N VAL A 153 -10.03 -26.92 -7.55
CA VAL A 153 -11.36 -26.80 -6.97
C VAL A 153 -11.47 -25.49 -6.23
N GLY A 154 -12.61 -24.82 -6.39
CA GLY A 154 -12.96 -23.74 -5.50
C GLY A 154 -12.35 -22.48 -6.05
N GLU A 155 -13.12 -21.64 -6.71
CA GLU A 155 -12.70 -20.33 -7.19
C GLU A 155 -11.43 -20.41 -8.05
N ASN A 156 -10.85 -21.61 -8.15
CA ASN A 156 -9.89 -21.99 -9.17
C ASN A 156 -10.46 -23.09 -10.05
N GLU A 157 -11.76 -23.34 -9.95
CA GLU A 157 -12.42 -24.45 -10.63
C GLU A 157 -12.13 -24.45 -12.12
N ASN A 158 -12.15 -23.27 -12.73
CA ASN A 158 -12.04 -23.13 -14.17
C ASN A 158 -10.58 -23.14 -14.60
N ALA A 159 -9.81 -24.08 -14.07
CA ALA A 159 -8.39 -24.13 -14.35
C ALA A 159 -7.92 -25.54 -14.04
N LEU A 160 -7.10 -26.09 -14.92
CA LEU A 160 -6.50 -27.39 -14.70
C LEU A 160 -5.01 -27.26 -14.95
N PHE A 161 -4.25 -28.26 -14.49
CA PHE A 161 -2.80 -28.16 -14.47
C PHE A 161 -2.15 -29.45 -14.95
N PHE A 162 -1.01 -29.31 -15.66
CA PHE A 162 -0.20 -30.45 -16.07
C PHE A 162 1.28 -30.18 -15.81
N PRO A 163 1.96 -31.01 -15.02
CA PRO A 163 3.37 -30.75 -14.72
C PRO A 163 4.24 -30.86 -15.97
N THR A 164 5.25 -29.99 -16.00
CA THR A 164 6.28 -30.07 -17.03
C THR A 164 6.95 -31.45 -17.04
N LYS A 165 7.14 -32.04 -15.87
CA LYS A 165 7.79 -33.35 -15.83
C LYS A 165 6.98 -34.37 -16.63
N SER A 166 5.66 -34.36 -16.48
CA SER A 166 4.87 -35.31 -17.26
C SER A 166 4.77 -34.93 -18.73
N ILE A 167 5.00 -33.66 -19.07
CA ILE A 167 5.23 -33.30 -20.48
C ILE A 167 6.49 -34.00 -21.01
N GLU A 168 7.62 -33.86 -20.31
CA GLU A 168 8.83 -34.58 -20.70
C GLU A 168 8.56 -36.07 -20.87
N LEU A 169 7.73 -36.63 -19.99
CA LEU A 169 7.38 -38.05 -20.10
C LEU A 169 6.62 -38.32 -21.41
N LEU A 170 5.74 -37.40 -21.80
CA LEU A 170 4.98 -37.62 -23.05
C LEU A 170 5.90 -37.78 -24.25
N PHE A 171 6.99 -37.02 -24.31
CA PHE A 171 7.98 -37.13 -25.39
C PHE A 171 9.18 -37.97 -24.98
N THR A 172 8.98 -38.99 -24.14
CA THR A 172 10.01 -39.75 -23.39
C THR A 172 11.45 -39.27 -23.56
N MET B 1 5.12 30.04 48.48
CA MET B 1 4.31 31.02 47.77
C MET B 1 2.86 30.58 47.71
N ASP B 2 1.98 31.42 48.24
CA ASP B 2 0.55 31.12 48.30
C ASP B 2 -0.21 31.67 47.11
N ASP B 3 0.47 31.93 45.99
CA ASP B 3 -0.10 32.67 44.87
C ASP B 3 0.11 31.97 43.53
N LEU B 4 0.25 30.65 43.52
CA LEU B 4 0.47 29.97 42.26
C LEU B 4 -0.84 29.44 41.69
N THR B 5 -0.93 29.45 40.37
CA THR B 5 -2.05 28.95 39.62
C THR B 5 -1.56 28.04 38.50
N ILE B 6 -2.53 27.45 37.82
CA ILE B 6 -2.32 26.62 36.64
C ILE B 6 -3.21 27.17 35.52
N GLU B 7 -2.59 27.62 34.44
CA GLU B 7 -3.28 28.25 33.32
C GLU B 7 -2.86 27.58 32.02
N ILE B 8 -3.73 27.66 31.00
CA ILE B 8 -3.28 27.35 29.65
C ILE B 8 -2.15 28.29 29.29
N LEU B 9 -1.23 27.84 28.46
CA LEU B 9 -0.30 28.77 27.85
C LEU B 9 -1.11 29.85 27.17
N THR B 10 -0.96 31.09 27.64
CA THR B 10 -1.84 32.17 27.22
C THR B 10 -1.39 32.83 25.93
N ASP B 11 -0.58 32.16 25.11
CA ASP B 11 -0.04 32.67 23.86
C ASP B 11 0.73 33.97 24.06
N ASP B 12 1.06 34.31 25.31
CA ASP B 12 1.88 35.47 25.58
C ASP B 12 3.35 35.17 25.32
N ALA B 13 3.78 33.92 25.49
CA ALA B 13 5.20 33.58 25.55
C ALA B 13 5.92 34.52 26.50
N ASP B 14 5.19 35.01 27.50
CA ASP B 14 5.65 36.02 28.45
C ASP B 14 6.04 35.40 29.77
N TYR B 15 6.69 34.24 29.72
CA TYR B 15 7.02 33.51 30.93
C TYR B 15 8.53 33.41 31.09
N ASP B 16 8.97 33.35 32.35
CA ASP B 16 10.36 33.10 32.67
C ASP B 16 10.68 31.63 32.42
N LEU B 17 11.17 31.34 31.22
CA LEU B 17 11.39 29.97 30.79
C LEU B 17 12.79 29.45 31.12
N GLN B 18 13.71 30.31 31.55
CA GLN B 18 15.09 29.87 31.68
C GLN B 18 15.44 29.39 33.09
N ARG B 19 14.83 29.95 34.12
CA ARG B 19 15.18 29.53 35.47
C ARG B 19 14.61 28.16 35.84
N PHE B 20 13.68 27.63 35.07
CA PHE B 20 13.08 26.35 35.41
C PHE B 20 14.12 25.24 35.36
N ASP B 21 14.22 24.48 36.44
CA ASP B 21 15.00 23.24 36.43
C ASP B 21 14.26 22.17 37.20
N CYS B 22 13.99 21.04 36.54
CA CYS B 22 13.22 19.96 37.13
C CYS B 22 14.07 18.78 37.58
N GLY B 23 15.36 18.80 37.24
CA GLY B 23 16.27 17.72 37.54
C GLY B 23 16.72 16.96 36.32
N GLU B 24 15.93 17.00 35.26
CA GLU B 24 16.16 16.23 34.05
C GLU B 24 16.40 17.16 32.86
N GLU B 25 17.53 16.99 32.19
CA GLU B 25 17.92 17.90 31.11
C GLU B 25 16.92 17.85 29.95
N ALA B 26 16.33 16.68 29.69
CA ALA B 26 15.39 16.52 28.58
C ALA B 26 14.12 17.34 28.78
N LEU B 27 13.54 17.28 29.96
CA LEU B 27 12.32 18.02 30.21
C LEU B 27 12.58 19.53 30.30
N ASN B 28 13.71 19.93 30.90
CA ASN B 28 14.06 21.35 30.89
C ASN B 28 14.18 21.86 29.45
N LEU B 29 14.90 21.12 28.60
CA LEU B 29 15.13 21.60 27.25
C LEU B 29 13.85 21.53 26.43
N PHE B 30 12.97 20.58 26.73
CA PHE B 30 11.70 20.56 26.04
C PHE B 30 10.91 21.82 26.34
N LEU B 31 10.93 22.25 27.61
CA LEU B 31 10.29 23.52 27.96
C LEU B 31 10.88 24.68 27.17
N THR B 32 12.21 24.79 27.15
CA THR B 32 12.80 25.99 26.57
C THR B 32 12.83 26.00 25.03
N THR B 33 12.71 24.85 24.35
CA THR B 33 12.84 24.85 22.89
C THR B 33 11.64 24.29 22.13
N HIS B 34 10.73 23.61 22.78
CA HIS B 34 9.69 22.92 22.03
C HIS B 34 8.28 23.29 22.48
N LEU B 35 8.08 23.54 23.76
CA LEU B 35 6.73 23.63 24.31
C LEU B 35 5.93 24.74 23.65
N VAL B 36 6.55 25.90 23.42
CA VAL B 36 5.81 27.03 22.88
C VAL B 36 5.45 26.78 21.42
N ARG B 37 6.42 26.35 20.62
CA ARG B 37 6.14 26.12 19.20
C ARG B 37 5.16 24.97 19.00
N GLN B 38 5.22 23.95 19.85
CA GLN B 38 4.30 22.84 19.70
C GLN B 38 2.90 23.20 20.19
N HIS B 39 2.80 24.07 21.20
CA HIS B 39 1.49 24.57 21.59
C HIS B 39 0.88 25.46 20.51
N ARG B 40 1.72 26.25 19.84
CA ARG B 40 1.19 27.14 18.82
C ARG B 40 0.78 26.38 17.56
N ASN B 41 1.47 25.30 17.24
CA ASN B 41 1.11 24.46 16.11
C ASN B 41 0.04 23.42 16.45
N LYS B 42 -0.58 23.52 17.62
CA LYS B 42 -1.71 22.66 18.00
C LYS B 42 -1.34 21.17 17.95
N ILE B 43 -0.09 20.80 18.19
CA ILE B 43 0.16 19.39 18.47
C ILE B 43 -0.10 19.06 19.93
N LEU B 44 -0.11 20.07 20.80
CA LEU B 44 -0.43 19.88 22.20
C LEU B 44 -1.01 21.17 22.76
N ARG B 45 -1.66 21.05 23.93
CA ARG B 45 -2.00 22.19 24.77
C ARG B 45 -1.15 22.10 26.02
N ALA B 46 -0.44 23.19 26.31
CA ALA B 46 0.49 23.28 27.43
C ALA B 46 -0.18 24.03 28.59
N TYR B 47 -0.16 23.41 29.75
CA TYR B 47 -0.59 24.08 30.95
C TYR B 47 0.62 24.37 31.84
N ILE B 48 0.64 25.58 32.38
CA ILE B 48 1.76 26.12 33.14
C ILE B 48 1.33 26.32 34.59
N LEU B 49 2.12 25.77 35.51
CA LEU B 49 2.10 26.11 36.91
C LEU B 49 3.09 27.25 37.15
N CYS B 50 2.60 28.38 37.64
CA CYS B 50 3.42 29.58 37.85
C CYS B 50 2.80 30.38 38.98
N ARG B 51 3.43 31.49 39.37
CA ARG B 51 2.88 32.40 40.37
C ARG B 51 2.60 33.78 39.76
N ASN B 52 1.73 34.57 40.43
CA ASN B 52 1.20 35.80 39.85
C ASN B 52 2.24 36.92 39.90
N THR B 53 3.43 36.64 39.41
CA THR B 53 4.54 37.58 39.48
C THR B 53 4.51 38.47 38.25
N PRO B 54 5.38 39.49 38.19
CA PRO B 54 5.55 40.24 36.95
C PRO B 54 5.63 39.32 35.73
N GLU B 55 6.54 38.35 35.76
CA GLU B 55 6.79 37.53 34.59
C GLU B 55 6.36 36.07 34.77
N ARG B 56 5.57 35.77 35.81
CA ARG B 56 4.97 34.44 35.96
C ARG B 56 6.04 33.35 35.95
N GLN B 57 6.83 33.35 37.04
CA GLN B 57 7.87 32.35 37.21
C GLN B 57 7.32 30.95 36.97
N VAL B 58 7.88 30.27 35.96
CA VAL B 58 7.44 28.93 35.61
C VAL B 58 7.98 27.95 36.63
N LEU B 59 7.09 27.28 37.35
CA LEU B 59 7.49 26.26 38.31
C LEU B 59 6.97 24.87 37.96
N GLY B 60 6.25 24.71 36.87
CA GLY B 60 5.91 23.36 36.44
C GLY B 60 5.07 23.41 35.19
N TYR B 61 5.07 22.31 34.45
CA TYR B 61 4.23 22.27 33.26
C TYR B 61 3.74 20.87 32.97
N TYR B 62 2.72 20.81 32.11
CA TYR B 62 2.30 19.54 31.55
C TYR B 62 1.63 19.77 30.21
N THR B 63 1.56 18.70 29.40
CA THR B 63 0.98 18.78 28.06
C THR B 63 -0.10 17.73 27.85
N LEU B 64 -1.12 18.12 27.06
CA LEU B 64 -2.20 17.22 26.64
C LEU B 64 -2.38 17.23 25.13
N CYS B 65 -2.72 16.06 24.57
CA CYS B 65 -3.13 16.04 23.16
C CYS B 65 -4.14 14.94 22.90
N GLY B 66 -4.82 15.10 21.77
CA GLY B 66 -5.66 14.03 21.27
C GLY B 66 -4.84 12.82 20.88
N SER B 67 -5.44 11.65 21.03
CA SER B 67 -4.78 10.43 20.59
C SER B 67 -5.86 9.39 20.32
N CYS B 68 -5.42 8.23 19.84
CA CYS B 68 -6.34 7.12 19.71
C CYS B 68 -5.58 5.82 19.86
N PHE B 69 -6.30 4.79 20.24
CA PHE B 69 -5.68 3.49 20.45
C PHE B 69 -6.33 2.49 19.52
N GLU B 70 -5.58 1.43 19.21
CA GLU B 70 -5.87 0.53 18.11
C GLU B 70 -5.46 -0.90 18.44
N ARG B 71 -5.93 -1.82 17.59
CA ARG B 71 -5.54 -3.24 17.53
C ARG B 71 -5.67 -3.96 18.87
N ASN B 87 -10.62 3.90 14.73
CA ASN B 87 -10.03 4.83 15.70
C ASN B 87 -10.88 5.02 16.94
N ILE B 88 -10.28 4.78 18.09
CA ILE B 88 -10.93 4.95 19.39
C ILE B 88 -10.28 6.13 20.11
N PRO B 89 -11.01 7.19 20.42
CA PRO B 89 -10.39 8.42 20.88
C PRO B 89 -10.03 8.43 22.36
N SER B 90 -8.97 9.16 22.66
CA SER B 90 -8.35 9.22 23.98
C SER B 90 -7.58 10.53 24.04
N VAL B 91 -7.11 10.86 25.23
CA VAL B 91 -6.14 11.94 25.37
C VAL B 91 -4.88 11.31 25.95
N THR B 92 -3.72 11.86 25.62
CA THR B 92 -2.54 11.51 26.37
C THR B 92 -1.90 12.75 26.96
N LEU B 93 -1.44 12.57 28.18
CA LEU B 93 -0.63 13.54 28.88
C LEU B 93 0.83 13.23 28.54
N GLY B 94 1.44 14.08 27.73
CA GLY B 94 2.72 13.75 27.16
C GLY B 94 3.88 13.90 28.12
N ARG B 95 4.02 15.12 28.63
CA ARG B 95 5.15 15.50 29.46
C ARG B 95 4.64 16.25 30.67
N LEU B 96 5.27 15.99 31.82
CA LEU B 96 4.89 16.64 33.07
C LEU B 96 6.15 16.81 33.91
N ALA B 97 6.42 18.03 34.34
CA ALA B 97 7.68 18.31 35.01
C ALA B 97 7.47 19.40 36.05
N ILE B 98 8.20 19.29 37.15
CA ILE B 98 8.04 20.20 38.28
C ILE B 98 9.41 20.61 38.77
N ASP B 99 9.56 21.90 39.09
CA ASP B 99 10.84 22.42 39.56
C ASP B 99 11.32 21.68 40.80
N ARG B 100 12.65 21.64 40.96
CA ARG B 100 13.27 20.98 42.11
C ARG B 100 12.66 21.45 43.42
N SER B 101 12.45 22.77 43.56
CA SER B 101 11.95 23.30 44.82
C SER B 101 10.61 22.68 45.23
N LEU B 102 9.79 22.27 44.26
CA LEU B 102 8.44 21.81 44.58
C LEU B 102 8.32 20.30 44.71
N GLN B 103 9.43 19.56 44.61
CA GLN B 103 9.34 18.12 44.51
C GLN B 103 9.09 17.47 45.86
N GLY B 104 8.66 16.21 45.82
CA GLY B 104 8.39 15.46 47.04
C GLY B 104 7.24 15.96 47.87
N GLN B 105 6.59 17.04 47.43
CA GLN B 105 5.50 17.68 48.17
C GLN B 105 4.13 17.38 47.61
N GLY B 106 4.01 16.56 46.56
CA GLY B 106 2.69 16.26 46.04
C GLY B 106 2.14 17.24 45.02
N TRP B 107 2.99 18.11 44.48
CA TRP B 107 2.56 18.99 43.41
C TRP B 107 2.33 18.28 42.09
N GLY B 108 3.07 17.18 41.84
CA GLY B 108 2.84 16.43 40.62
C GLY B 108 1.45 15.83 40.56
N ALA B 109 1.05 15.16 41.65
CA ALA B 109 -0.32 14.69 41.75
C ALA B 109 -1.32 15.81 41.46
N THR B 110 -1.05 17.02 41.93
CA THR B 110 -1.95 18.16 41.77
C THR B 110 -2.06 18.54 40.30
N LEU B 111 -0.93 18.65 39.59
CA LEU B 111 -1.00 18.89 38.16
C LEU B 111 -1.74 17.78 37.42
N VAL B 112 -1.48 16.53 37.77
CA VAL B 112 -2.19 15.43 37.11
C VAL B 112 -3.69 15.55 37.40
N ALA B 113 -4.05 15.83 38.64
CA ALA B 113 -5.46 16.00 38.95
C ALA B 113 -6.05 17.13 38.12
N HIS B 114 -5.28 18.18 37.90
CA HIS B 114 -5.75 19.28 37.10
C HIS B 114 -5.87 18.88 35.63
N ALA B 115 -4.93 18.09 35.14
CA ALA B 115 -5.01 17.59 33.78
C ALA B 115 -6.22 16.68 33.60
N MET B 116 -6.47 15.83 34.58
CA MET B 116 -7.68 15.01 34.56
C MET B 116 -8.93 15.89 34.56
N ASN B 117 -8.93 17.00 35.31
CA ASN B 117 -10.11 17.85 35.26
C ASN B 117 -10.30 18.44 33.88
N VAL B 118 -9.21 18.87 33.24
CA VAL B 118 -9.32 19.35 31.86
C VAL B 118 -9.89 18.26 30.95
N VAL B 119 -9.46 17.01 31.14
CA VAL B 119 -9.90 15.95 30.25
C VAL B 119 -11.33 15.58 30.54
N TRP B 120 -11.72 15.59 31.80
CA TRP B 120 -13.10 15.30 32.15
C TRP B 120 -14.03 16.33 31.53
N SER B 121 -13.75 17.61 31.76
CA SER B 121 -14.49 18.67 31.09
C SER B 121 -14.55 18.46 29.57
N ALA B 122 -13.44 18.07 28.94
CA ALA B 122 -13.52 17.81 27.50
C ALA B 122 -14.43 16.62 27.21
N SER B 123 -14.31 15.56 28.00
CA SER B 123 -15.07 14.35 27.74
C SER B 123 -16.56 14.61 27.78
N LEU B 124 -16.98 15.68 28.44
CA LEU B 124 -18.40 16.03 28.35
C LEU B 124 -18.78 16.67 27.02
N ALA B 125 -17.81 17.17 26.26
CA ALA B 125 -18.09 17.77 24.96
C ALA B 125 -17.76 16.84 23.79
N VAL B 126 -16.83 15.91 23.96
CA VAL B 126 -16.32 15.03 22.91
C VAL B 126 -16.11 13.64 23.50
N GLY B 127 -16.33 12.61 22.68
CA GLY B 127 -16.08 11.26 23.12
C GLY B 127 -14.61 11.06 23.41
N ILE B 128 -14.29 10.62 24.63
CA ILE B 128 -12.91 10.35 25.04
C ILE B 128 -12.98 9.17 25.99
N HIS B 129 -12.27 8.08 25.69
CA HIS B 129 -12.40 6.92 26.56
C HIS B 129 -11.45 6.91 27.74
N GLY B 130 -10.40 7.71 27.73
CA GLY B 130 -9.47 7.72 28.84
C GLY B 130 -8.20 8.48 28.52
N LEU B 131 -7.27 8.39 29.45
CA LEU B 131 -6.03 9.15 29.47
C LEU B 131 -4.84 8.21 29.46
N PHE B 132 -4.05 8.29 28.39
CA PHE B 132 -2.75 7.63 28.37
C PHE B 132 -1.71 8.59 28.90
N VAL B 133 -0.66 8.00 29.41
CA VAL B 133 0.40 8.77 30.04
C VAL B 133 1.70 8.06 29.73
N GLU B 134 2.76 8.85 29.59
CA GLU B 134 4.07 8.37 29.14
C GLU B 134 5.06 8.36 30.31
N ALA B 135 5.81 7.29 30.43
CA ALA B 135 6.70 7.10 31.58
C ALA B 135 8.09 6.72 31.10
N LEU B 136 9.04 7.65 31.17
CA LEU B 136 10.38 7.37 30.65
C LEU B 136 11.12 6.37 31.53
N ASN B 137 11.33 6.73 32.81
CA ASN B 137 12.08 5.93 33.77
C ASN B 137 11.14 5.31 34.79
N GLU B 138 11.72 4.44 35.62
CA GLU B 138 10.93 3.73 36.64
C GLU B 138 10.38 4.69 37.70
N LYS B 139 11.07 5.80 37.96
CA LYS B 139 10.54 6.81 38.87
C LYS B 139 9.16 7.29 38.41
N ALA B 140 9.07 7.75 37.16
CA ALA B 140 7.78 8.20 36.62
C ALA B 140 6.78 7.06 36.59
N HIS B 141 7.25 5.85 36.31
CA HIS B 141 6.34 4.73 36.18
C HIS B 141 5.65 4.45 37.51
N THR B 142 6.43 4.41 38.58
CA THR B 142 5.89 4.16 39.91
C THR B 142 5.02 5.33 40.37
N PHE B 143 5.45 6.56 40.08
CA PHE B 143 4.63 7.72 40.38
C PHE B 143 3.24 7.61 39.76
N TYR B 144 3.18 7.39 38.44
CA TYR B 144 1.88 7.27 37.77
C TYR B 144 1.10 6.08 38.30
N LYS B 145 1.76 4.93 38.45
CA LYS B 145 1.10 3.75 38.99
C LYS B 145 0.40 4.05 40.30
N SER B 146 0.96 4.96 41.10
CA SER B 146 0.40 5.25 42.43
C SER B 146 -0.75 6.25 42.42
N LEU B 147 -1.11 6.80 41.26
CA LEU B 147 -2.29 7.64 41.18
C LEU B 147 -3.54 6.88 40.72
N GLY B 148 -3.38 5.63 40.27
CA GLY B 148 -4.49 4.86 39.73
C GLY B 148 -4.22 4.27 38.35
N PHE B 149 -3.31 4.88 37.59
CA PHE B 149 -2.98 4.46 36.23
C PHE B 149 -2.67 2.97 36.15
N ILE B 150 -3.15 2.34 35.09
CA ILE B 150 -2.97 0.91 34.84
C ILE B 150 -1.69 0.72 34.02
N PRO B 151 -0.73 -0.04 34.53
CA PRO B 151 0.46 -0.34 33.73
C PRO B 151 0.13 -1.17 32.51
N LEU B 152 0.93 -0.99 31.48
CA LEU B 152 0.79 -1.70 30.22
C LEU B 152 2.08 -2.45 29.96
N VAL B 153 2.05 -3.28 28.93
CA VAL B 153 3.03 -4.35 28.80
C VAL B 153 3.67 -4.30 27.41
N GLY B 154 4.74 -5.07 27.23
CA GLY B 154 5.34 -5.27 25.92
C GLY B 154 5.88 -3.99 25.31
N GLU B 155 5.57 -3.79 24.03
CA GLU B 155 5.94 -2.55 23.35
C GLU B 155 5.25 -1.33 23.96
N ASN B 156 4.28 -1.53 24.86
CA ASN B 156 3.60 -0.43 25.56
C ASN B 156 3.98 -0.36 27.03
N GLU B 157 5.06 -1.04 27.43
CA GLU B 157 5.45 -1.09 28.84
C GLU B 157 5.69 0.31 29.41
N ASN B 158 6.06 1.27 28.57
CA ASN B 158 6.31 2.63 29.05
C ASN B 158 5.08 3.52 28.95
N ALA B 159 3.88 2.93 28.90
CA ALA B 159 2.64 3.69 28.82
C ALA B 159 1.67 3.19 29.89
N LEU B 160 0.82 4.10 30.35
CA LEU B 160 -0.20 3.73 31.32
C LEU B 160 -1.52 4.37 30.93
N PHE B 161 -2.59 3.88 31.54
CA PHE B 161 -3.92 4.28 31.13
C PHE B 161 -4.82 4.50 32.33
N PHE B 162 -5.72 5.47 32.21
CA PHE B 162 -6.73 5.74 33.22
C PHE B 162 -8.07 5.99 32.53
N PRO B 163 -9.09 5.14 32.77
CA PRO B 163 -10.37 5.33 32.10
C PRO B 163 -11.02 6.63 32.52
N THR B 164 -11.69 7.28 31.55
CA THR B 164 -12.45 8.49 31.84
C THR B 164 -13.51 8.26 32.92
N LYS B 165 -14.08 7.06 32.97
CA LYS B 165 -15.06 6.78 34.02
C LYS B 165 -14.43 7.00 35.38
N SER B 166 -13.16 6.62 35.55
CA SER B 166 -12.48 6.81 36.83
C SER B 166 -12.27 8.29 37.14
N ILE B 167 -11.86 9.08 36.14
CA ILE B 167 -11.75 10.52 36.33
C ILE B 167 -13.08 11.10 36.80
N GLU B 168 -14.18 10.64 36.19
CA GLU B 168 -15.48 11.14 36.60
C GLU B 168 -15.77 10.78 38.06
N LEU B 169 -15.39 9.56 38.47
CA LEU B 169 -15.60 9.18 39.87
C LEU B 169 -14.84 10.12 40.78
N LEU B 170 -13.62 10.49 40.38
CA LEU B 170 -12.78 11.39 41.14
C LEU B 170 -13.52 12.64 41.59
N PHE B 171 -14.21 13.29 40.66
CA PHE B 171 -14.94 14.52 40.96
C PHE B 171 -16.41 14.22 41.27
N THR B 172 -16.63 13.41 42.31
CA THR B 172 -17.94 13.26 42.92
C THR B 172 -17.81 13.26 44.45
N LYS C 6 8.42 11.72 -25.79
CA LYS C 6 8.73 10.72 -26.82
C LYS C 6 7.51 10.32 -27.69
N GLN C 7 6.32 10.29 -27.11
CA GLN C 7 5.08 9.89 -27.77
C GLN C 7 3.96 10.80 -27.29
N ARG C 8 2.79 10.72 -27.95
CA ARG C 8 1.69 11.56 -27.51
C ARG C 8 0.34 10.87 -27.69
N ILE C 9 -0.58 11.18 -26.76
CA ILE C 9 -1.97 10.73 -26.75
C ILE C 9 -2.84 11.95 -26.44
N ASP C 10 -3.81 12.23 -27.30
CA ASP C 10 -4.79 13.28 -27.05
C ASP C 10 -6.05 12.65 -26.49
N LEU C 11 -6.32 12.89 -25.22
CA LEU C 11 -7.55 12.45 -24.58
C LEU C 11 -8.60 13.56 -24.68
N ARG C 12 -9.81 13.18 -25.08
CA ARG C 12 -10.93 14.10 -25.11
C ARG C 12 -11.80 13.82 -23.90
N LEU C 13 -11.92 14.83 -23.03
CA LEU C 13 -12.42 14.70 -21.68
C LEU C 13 -13.73 15.47 -21.51
N THR C 14 -14.61 14.92 -20.67
CA THR C 14 -15.84 15.63 -20.32
C THR C 14 -15.58 16.66 -19.21
N ASP C 15 -16.36 17.74 -19.22
CA ASP C 15 -16.13 18.88 -18.33
C ASP C 15 -16.22 18.50 -16.85
N ASP C 16 -16.99 17.47 -16.52
CA ASP C 16 -17.08 17.05 -15.13
C ASP C 16 -15.86 16.26 -14.71
N ASP C 17 -15.47 15.29 -15.53
CA ASP C 17 -14.27 14.51 -15.26
C ASP C 17 -13.05 15.40 -15.19
N LYS C 18 -13.02 16.48 -15.98
CA LYS C 18 -11.94 17.45 -15.89
C LYS C 18 -11.89 18.08 -14.51
N SER C 19 -13.04 18.50 -13.95
CA SER C 19 -13.03 19.17 -12.65
C SER C 19 -12.67 18.20 -11.54
N MET C 20 -13.14 16.95 -11.65
CA MET C 20 -12.77 15.90 -10.72
C MET C 20 -11.26 15.63 -10.74
N ILE C 21 -10.71 15.39 -11.94
CA ILE C 21 -9.28 15.13 -12.06
C ILE C 21 -8.48 16.35 -11.66
N GLU C 22 -9.00 17.55 -11.88
CA GLU C 22 -8.28 18.76 -11.48
C GLU C 22 -8.23 18.86 -9.96
N GLU C 23 -9.35 18.59 -9.29
CA GLU C 23 -9.33 18.57 -7.83
C GLU C 23 -8.32 17.55 -7.32
N ALA C 24 -8.27 16.37 -7.92
CA ALA C 24 -7.36 15.33 -7.42
C ALA C 24 -5.91 15.66 -7.72
N ALA C 25 -5.65 16.21 -8.90
CA ALA C 25 -4.29 16.64 -9.22
C ALA C 25 -3.84 17.73 -8.28
N ALA C 26 -4.73 18.67 -7.94
CA ALA C 26 -4.35 19.71 -6.99
C ALA C 26 -4.13 19.15 -5.59
N ILE C 27 -4.88 18.11 -5.22
CA ILE C 27 -4.71 17.50 -3.91
C ILE C 27 -3.35 16.81 -3.82
N SER C 28 -2.90 16.21 -4.91
CA SER C 28 -1.58 15.58 -4.97
C SER C 28 -0.48 16.55 -5.43
N ASN C 29 -0.80 17.84 -5.57
CA ASN C 29 0.00 18.91 -6.16
C ASN C 29 0.84 18.37 -7.31
N GLN C 30 0.13 17.84 -8.30
CA GLN C 30 0.65 17.49 -9.62
C GLN C 30 -0.16 18.24 -10.66
N SER C 31 0.42 18.39 -11.85
CA SER C 31 -0.38 18.87 -12.96
C SER C 31 -1.35 17.78 -13.42
N VAL C 32 -2.42 18.21 -14.09
CA VAL C 32 -3.43 17.28 -14.60
C VAL C 32 -2.78 16.19 -15.42
N SER C 33 -1.85 16.56 -16.31
CA SER C 33 -1.18 15.59 -17.16
C SER C 33 -0.34 14.63 -16.33
N GLN C 34 0.42 15.18 -15.38
CA GLN C 34 1.14 14.32 -14.44
C GLN C 34 0.20 13.34 -13.77
N PHE C 35 -0.91 13.84 -13.22
CA PHE C 35 -1.84 12.96 -12.53
C PHE C 35 -2.33 11.85 -13.44
N MET C 36 -2.75 12.20 -14.65
CA MET C 36 -3.36 11.22 -15.52
C MET C 36 -2.36 10.16 -15.95
N LEU C 37 -1.13 10.58 -16.29
CA LEU C 37 -0.15 9.61 -16.77
C LEU C 37 0.33 8.69 -15.64
N ASN C 38 0.45 9.23 -14.42
CA ASN C 38 0.80 8.38 -13.29
C ASN C 38 -0.32 7.39 -12.99
N SER C 39 -1.58 7.85 -13.08
CA SER C 39 -2.73 6.97 -12.85
C SER C 39 -2.77 5.85 -13.88
N ALA C 40 -2.61 6.18 -15.15
CA ALA C 40 -2.61 5.15 -16.19
C ALA C 40 -1.44 4.18 -16.02
N SER C 41 -0.24 4.69 -15.72
CA SER C 41 0.93 3.82 -15.71
C SER C 41 0.91 2.85 -14.55
N GLN C 42 0.49 3.33 -13.37
CA GLN C 42 0.37 2.43 -12.21
C GLN C 42 -0.78 1.44 -12.39
N ARG C 43 -1.92 1.88 -12.94
CA ARG C 43 -3.03 0.94 -13.11
C ARG C 43 -2.69 -0.13 -14.13
N ALA C 44 -2.02 0.25 -15.23
CA ALA C 44 -1.63 -0.74 -16.22
C ALA C 44 -0.66 -1.75 -15.64
N ALA C 45 0.32 -1.28 -14.85
CA ALA C 45 1.22 -2.22 -14.18
C ALA C 45 0.45 -3.20 -13.31
N GLU C 46 -0.52 -2.73 -12.51
CA GLU C 46 -1.17 -3.71 -11.65
C GLU C 46 -2.15 -4.59 -12.41
N VAL C 47 -2.76 -4.10 -13.50
CA VAL C 47 -3.62 -4.95 -14.31
C VAL C 47 -2.79 -6.09 -14.92
N ILE C 48 -1.59 -5.76 -15.44
CA ILE C 48 -0.76 -6.80 -16.02
C ILE C 48 -0.29 -7.79 -14.95
N GLU C 49 0.19 -7.27 -13.81
CA GLU C 49 0.61 -8.17 -12.75
C GLU C 49 -0.52 -9.11 -12.35
N GLN C 50 -1.75 -8.58 -12.19
CA GLN C 50 -2.83 -9.43 -11.70
C GLN C 50 -3.32 -10.40 -12.77
N HIS C 51 -3.20 -10.03 -14.05
CA HIS C 51 -3.58 -10.93 -15.13
C HIS C 51 -2.64 -12.12 -15.24
N ARG C 52 -1.32 -11.88 -15.10
CA ARG C 52 -0.36 -12.97 -15.25
C ARG C 52 -0.34 -13.93 -14.05
N ARG C 53 -0.81 -13.52 -12.87
CA ARG C 53 -0.69 -14.32 -11.65
C ARG C 53 -1.89 -15.24 -11.46
N VAL C 54 -1.64 -16.42 -10.91
CA VAL C 54 -2.70 -17.33 -10.48
C VAL C 54 -2.56 -17.51 -8.99
N ILE C 55 -3.61 -17.20 -8.25
CA ILE C 55 -3.63 -17.43 -6.81
C ILE C 55 -4.37 -18.72 -6.56
N LEU C 56 -3.75 -19.62 -5.80
CA LEU C 56 -4.28 -20.96 -5.57
C LEU C 56 -4.69 -21.06 -4.12
N ASN C 57 -5.92 -21.52 -3.88
CA ASN C 57 -6.34 -21.72 -2.52
C ASN C 57 -5.69 -22.99 -1.96
N GLU C 58 -5.98 -23.26 -0.69
CA GLU C 58 -5.35 -24.36 0.05
C GLU C 58 -5.28 -25.65 -0.77
N GLU C 59 -6.42 -26.08 -1.30
CA GLU C 59 -6.55 -27.39 -1.95
C GLU C 59 -6.01 -27.41 -3.39
N SER C 60 -6.22 -26.34 -4.17
CA SER C 60 -5.61 -26.28 -5.48
C SER C 60 -4.10 -26.31 -5.36
N TRP C 61 -3.56 -25.55 -4.39
CA TRP C 61 -2.12 -25.58 -4.13
C TRP C 61 -1.66 -26.99 -3.79
N THR C 62 -2.39 -27.66 -2.91
CA THR C 62 -2.05 -29.04 -2.59
C THR C 62 -1.94 -29.89 -3.85
N ARG C 63 -2.92 -29.76 -4.75
CA ARG C 63 -2.92 -30.66 -5.90
C ARG C 63 -1.82 -30.30 -6.89
N VAL C 64 -1.53 -29.02 -7.07
CA VAL C 64 -0.40 -28.65 -7.92
C VAL C 64 0.90 -29.19 -7.33
N MET C 65 1.08 -29.06 -6.01
CA MET C 65 2.30 -29.54 -5.38
C MET C 65 2.45 -31.03 -5.60
N ASP C 66 1.44 -31.82 -5.22
CA ASP C 66 1.51 -33.27 -5.39
C ASP C 66 1.75 -33.64 -6.85
N ALA C 67 1.20 -32.87 -7.79
CA ALA C 67 1.49 -33.09 -9.19
C ALA C 67 2.99 -32.93 -9.48
N LEU C 68 3.62 -31.90 -8.90
CA LEU C 68 5.05 -31.72 -9.14
C LEU C 68 5.88 -32.81 -8.44
N SER C 69 5.49 -33.18 -7.22
CA SER C 69 6.22 -34.21 -6.47
C SER C 69 6.21 -35.53 -7.20
N ASN C 70 5.02 -36.06 -7.49
CA ASN C 70 4.87 -37.32 -8.20
C ASN C 70 4.03 -37.07 -9.44
N PRO C 71 4.68 -36.71 -10.56
CA PRO C 71 3.91 -36.29 -11.73
C PRO C 71 3.22 -37.46 -12.39
N PRO C 72 2.03 -37.25 -12.95
CA PRO C 72 1.23 -38.35 -13.48
C PRO C 72 1.73 -38.84 -14.84
N SER C 73 1.48 -40.11 -15.11
CA SER C 73 1.88 -40.70 -16.37
C SER C 73 0.95 -40.20 -17.49
N PRO C 74 1.49 -39.88 -18.65
CA PRO C 74 0.64 -39.44 -19.75
C PRO C 74 -0.31 -40.54 -20.19
N GLY C 75 -1.60 -40.23 -20.20
CA GLY C 75 -2.60 -41.20 -20.58
C GLY C 75 -2.57 -41.54 -22.06
N GLU C 76 -3.24 -42.64 -22.39
CA GLU C 76 -3.14 -43.24 -23.72
C GLU C 76 -3.71 -42.32 -24.79
N LYS C 77 -4.80 -41.61 -24.50
CA LYS C 77 -5.32 -40.60 -25.41
C LYS C 77 -4.26 -39.54 -25.76
N LEU C 78 -3.63 -38.97 -24.73
CA LEU C 78 -2.64 -37.93 -24.94
C LEU C 78 -1.44 -38.44 -25.74
N LYS C 79 -0.89 -39.60 -25.36
CA LYS C 79 0.20 -40.16 -26.14
C LYS C 79 -0.22 -40.41 -27.58
N ARG C 80 -1.48 -40.76 -27.79
CA ARG C 80 -1.98 -41.04 -29.13
C ARG C 80 -2.02 -39.78 -29.99
N ALA C 81 -2.24 -38.62 -29.37
CA ALA C 81 -2.17 -37.36 -30.12
C ALA C 81 -0.72 -36.93 -30.35
N ALA C 82 0.13 -37.13 -29.35
CA ALA C 82 1.55 -36.84 -29.48
C ALA C 82 2.15 -37.58 -30.66
N LYS C 83 1.79 -38.85 -30.84
CA LYS C 83 2.31 -39.58 -31.99
C LYS C 83 1.65 -39.17 -33.30
N ARG C 84 0.51 -38.48 -33.26
CA ARG C 84 -0.02 -37.90 -34.49
C ARG C 84 0.87 -36.76 -34.97
N LEU C 85 1.16 -35.78 -34.11
CA LEU C 85 1.91 -34.65 -34.67
C LEU C 85 3.37 -34.97 -34.99
N GLN C 86 3.89 -36.11 -34.55
CA GLN C 86 5.23 -36.51 -34.98
C GLN C 86 5.20 -36.94 -36.44
N LYS D 6 6.77 31.69 -0.58
CA LYS D 6 6.98 32.21 0.76
C LYS D 6 8.29 31.72 1.34
N GLN D 7 8.23 30.80 2.31
CA GLN D 7 9.44 30.38 3.00
C GLN D 7 10.31 29.51 2.11
N ARG D 8 11.62 29.56 2.34
CA ARG D 8 12.63 28.84 1.56
C ARG D 8 13.49 27.99 2.47
N ILE D 9 13.70 26.73 2.08
CA ILE D 9 14.66 25.88 2.76
C ILE D 9 15.76 25.56 1.78
N ASP D 10 17.02 25.81 2.18
CA ASP D 10 18.16 25.42 1.39
C ASP D 10 18.66 24.08 1.93
N LEU D 11 18.96 23.13 1.03
CA LEU D 11 19.36 21.79 1.42
C LEU D 11 20.69 21.37 0.79
N ARG D 12 21.54 20.72 1.59
CA ARG D 12 22.83 20.19 1.13
C ARG D 12 22.75 18.68 0.95
N LEU D 13 23.30 18.17 -0.15
CA LEU D 13 23.36 16.73 -0.32
C LEU D 13 24.52 16.31 -1.22
N THR D 14 24.93 15.06 -1.04
CA THR D 14 25.96 14.46 -1.84
C THR D 14 25.49 14.28 -3.28
N ASP D 15 26.47 14.07 -4.17
CA ASP D 15 26.17 13.84 -5.58
C ASP D 15 25.27 12.61 -5.75
N ASP D 16 25.57 11.55 -5.01
CA ASP D 16 24.82 10.30 -5.14
C ASP D 16 23.36 10.47 -4.73
N ASP D 17 23.12 11.12 -3.57
CA ASP D 17 21.75 11.39 -3.15
C ASP D 17 21.00 12.21 -4.20
N LYS D 18 21.68 13.17 -4.82
CA LYS D 18 21.01 14.00 -5.82
C LYS D 18 20.67 13.18 -7.06
N SER D 19 21.53 12.24 -7.45
CA SER D 19 21.24 11.39 -8.61
C SER D 19 20.08 10.44 -8.33
N MET D 20 20.10 9.78 -7.19
CA MET D 20 18.96 8.94 -6.81
C MET D 20 17.66 9.75 -6.85
N ILE D 21 17.65 10.95 -6.24
CA ILE D 21 16.45 11.80 -6.27
C ILE D 21 16.04 12.13 -7.71
N GLU D 22 17.00 12.48 -8.57
CA GLU D 22 16.66 12.83 -9.97
C GLU D 22 16.05 11.63 -10.70
N GLU D 23 16.60 10.44 -10.48
CA GLU D 23 16.03 9.27 -11.12
C GLU D 23 14.61 9.02 -10.64
N ALA D 24 14.36 9.12 -9.33
CA ALA D 24 13.01 8.87 -8.83
C ALA D 24 12.04 9.94 -9.32
N ALA D 25 12.49 11.19 -9.41
CA ALA D 25 11.62 12.24 -9.93
C ALA D 25 11.28 12.00 -11.40
N ALA D 26 12.26 11.55 -12.19
CA ALA D 26 12.00 11.25 -13.59
C ALA D 26 11.02 10.09 -13.73
N ILE D 27 11.21 9.02 -12.94
CA ILE D 27 10.26 7.91 -12.97
C ILE D 27 8.87 8.40 -12.60
N SER D 28 8.78 9.30 -11.61
CA SER D 28 7.49 9.84 -11.17
C SER D 28 6.92 10.86 -12.13
N ASN D 29 7.60 11.19 -13.22
CA ASN D 29 7.19 12.27 -14.11
C ASN D 29 7.03 13.59 -13.36
N GLN D 30 7.84 13.81 -12.33
CA GLN D 30 7.84 15.05 -11.53
C GLN D 30 9.17 15.77 -11.73
N SER D 31 9.21 17.03 -11.34
CA SER D 31 10.51 17.67 -11.26
C SER D 31 11.17 17.37 -9.91
N VAL D 32 12.45 17.69 -9.79
CA VAL D 32 13.18 17.38 -8.56
C VAL D 32 12.54 18.11 -7.38
N SER D 33 12.24 19.39 -7.56
CA SER D 33 11.64 20.20 -6.49
C SER D 33 10.29 19.65 -6.07
N GLN D 34 9.47 19.28 -7.05
CA GLN D 34 8.13 18.81 -6.76
C GLN D 34 8.17 17.45 -6.07
N PHE D 35 9.04 16.56 -6.54
CA PHE D 35 9.19 15.25 -5.91
C PHE D 35 9.62 15.41 -4.46
N MET D 36 10.62 16.25 -4.20
CA MET D 36 11.08 16.37 -2.82
C MET D 36 10.00 16.99 -1.94
N LEU D 37 9.32 18.03 -2.43
CA LEU D 37 8.23 18.64 -1.66
C LEU D 37 7.16 17.63 -1.29
N ASN D 38 6.63 16.93 -2.30
CA ASN D 38 5.57 15.95 -2.06
C ASN D 38 6.03 14.88 -1.11
N SER D 39 7.23 14.32 -1.35
CA SER D 39 7.77 13.32 -0.44
C SER D 39 7.80 13.83 0.98
N ALA D 40 8.25 15.07 1.18
CA ALA D 40 8.42 15.55 2.54
C ALA D 40 7.09 15.77 3.23
N SER D 41 6.13 16.37 2.51
CA SER D 41 4.85 16.67 3.15
C SER D 41 4.07 15.39 3.42
N GLN D 42 4.19 14.39 2.54
CA GLN D 42 3.53 13.12 2.80
C GLN D 42 4.15 12.44 4.01
N ARG D 43 5.48 12.41 4.09
CA ARG D 43 6.10 11.74 5.22
C ARG D 43 5.83 12.50 6.51
N ALA D 44 5.74 13.82 6.45
CA ALA D 44 5.39 14.59 7.64
C ALA D 44 3.98 14.25 8.12
N ALA D 45 2.99 14.32 7.22
CA ALA D 45 1.62 13.95 7.55
C ALA D 45 1.54 12.54 8.15
N GLU D 46 2.21 11.59 7.48
CA GLU D 46 2.30 10.22 7.97
C GLU D 46 2.84 10.19 9.39
N VAL D 47 3.94 10.91 9.65
CA VAL D 47 4.56 10.89 10.96
C VAL D 47 3.62 11.46 12.02
N ILE D 48 2.98 12.58 11.72
CA ILE D 48 2.07 13.19 12.69
C ILE D 48 0.94 12.23 13.03
N GLU D 49 0.28 11.71 12.00
CA GLU D 49 -0.78 10.75 12.22
C GLU D 49 -0.30 9.55 13.05
N GLN D 50 0.89 9.01 12.74
CA GLN D 50 1.40 7.87 13.51
C GLN D 50 1.63 8.25 14.96
N HIS D 51 2.10 9.47 15.18
CA HIS D 51 2.40 9.94 16.52
C HIS D 51 1.14 10.05 17.37
N ARG D 52 0.01 10.33 16.74
CA ARG D 52 -1.21 10.45 17.53
C ARG D 52 -1.83 9.08 17.85
N ARG D 53 -1.46 8.00 17.15
CA ARG D 53 -2.03 6.65 17.35
C ARG D 53 -1.25 5.84 18.39
N VAL D 54 -1.96 5.16 19.28
CA VAL D 54 -1.37 4.23 20.23
C VAL D 54 -1.74 2.84 19.76
N ILE D 55 -0.75 2.01 19.47
CA ILE D 55 -0.99 0.69 18.92
C ILE D 55 -0.74 -0.32 20.03
N LEU D 56 -1.81 -0.96 20.48
CA LEU D 56 -1.76 -1.81 21.66
C LEU D 56 -1.64 -3.28 21.26
N ASN D 57 -0.75 -3.99 21.94
CA ASN D 57 -0.69 -5.44 21.76
C ASN D 57 -1.84 -6.12 22.49
N GLU D 58 -1.89 -7.45 22.36
CA GLU D 58 -2.95 -8.28 22.95
C GLU D 58 -3.23 -7.92 24.41
N GLU D 59 -2.22 -8.04 25.27
CA GLU D 59 -2.43 -7.85 26.71
C GLU D 59 -2.78 -6.41 27.05
N SER D 60 -2.08 -5.44 26.45
CA SER D 60 -2.38 -4.04 26.75
C SER D 60 -3.81 -3.71 26.36
N TRP D 61 -4.24 -4.19 25.19
CA TRP D 61 -5.62 -4.02 24.76
C TRP D 61 -6.59 -4.62 25.77
N THR D 62 -6.33 -5.85 26.19
CA THR D 62 -7.17 -6.47 27.20
C THR D 62 -7.25 -5.61 28.44
N ARG D 63 -6.11 -5.07 28.89
CA ARG D 63 -6.11 -4.29 30.12
C ARG D 63 -6.88 -3.00 29.97
N VAL D 64 -6.75 -2.32 28.82
CA VAL D 64 -7.52 -1.10 28.60
C VAL D 64 -9.02 -1.42 28.57
N MET D 65 -9.40 -2.49 27.87
CA MET D 65 -10.81 -2.88 27.82
C MET D 65 -11.35 -3.18 29.22
N ASP D 66 -10.55 -3.88 30.04
CA ASP D 66 -10.92 -4.17 31.42
C ASP D 66 -11.14 -2.88 32.22
N ALA D 67 -10.21 -1.95 32.07
CA ALA D 67 -10.31 -0.68 32.78
C ALA D 67 -11.60 0.03 32.42
N LEU D 68 -12.03 -0.06 31.15
CA LEU D 68 -13.30 0.56 30.74
C LEU D 68 -14.50 -0.21 31.27
N SER D 69 -14.36 -1.52 31.48
CA SER D 69 -15.46 -2.30 32.05
C SER D 69 -15.49 -2.20 33.58
N ASN D 70 -14.35 -2.46 34.24
CA ASN D 70 -14.21 -2.32 35.69
C ASN D 70 -13.24 -1.21 36.00
N PRO D 71 -13.69 0.04 35.93
CA PRO D 71 -12.81 1.18 36.21
C PRO D 71 -12.46 1.26 37.69
N PRO D 72 -11.19 1.48 38.01
CA PRO D 72 -10.80 1.54 39.42
C PRO D 72 -11.40 2.74 40.12
N SER D 73 -11.60 2.60 41.43
CA SER D 73 -11.92 3.76 42.25
C SER D 73 -10.69 4.66 42.38
N PRO D 74 -10.85 5.98 42.34
CA PRO D 74 -9.72 6.88 42.58
C PRO D 74 -9.04 6.58 43.93
N GLY D 75 -7.71 6.47 43.90
CA GLY D 75 -6.96 6.14 45.10
C GLY D 75 -6.83 7.32 46.06
N GLU D 76 -6.35 7.00 47.28
CA GLU D 76 -6.23 8.02 48.32
C GLU D 76 -5.39 9.20 47.84
N LYS D 77 -4.18 8.91 47.33
CA LYS D 77 -3.28 9.95 46.85
C LYS D 77 -3.94 10.87 45.82
N LEU D 78 -4.64 10.29 44.85
CA LEU D 78 -5.25 11.11 43.80
C LEU D 78 -6.44 11.90 44.33
N LYS D 79 -7.23 11.28 45.22
CA LYS D 79 -8.33 11.99 45.87
C LYS D 79 -7.80 13.23 46.56
N ARG D 80 -6.71 13.07 47.32
CA ARG D 80 -6.16 14.17 48.10
C ARG D 80 -5.58 15.25 47.20
N ALA D 81 -5.00 14.88 46.04
CA ALA D 81 -4.52 15.91 45.14
C ALA D 81 -5.69 16.72 44.57
N ALA D 82 -6.77 16.03 44.17
CA ALA D 82 -7.95 16.73 43.69
C ALA D 82 -8.51 17.67 44.76
N LYS D 83 -8.65 17.16 46.00
CA LYS D 83 -9.05 18.01 47.10
C LYS D 83 -8.13 19.23 47.23
N ARG D 84 -6.82 19.01 47.03
CA ARG D 84 -5.89 20.13 47.08
C ARG D 84 -6.21 21.15 45.99
N LEU D 85 -6.73 20.69 44.85
CA LEU D 85 -7.13 21.60 43.78
C LEU D 85 -8.20 22.58 44.26
N GLN D 86 -9.34 22.04 44.72
CA GLN D 86 -10.41 22.85 45.30
C GLN D 86 -9.89 23.77 46.42
N LYS E 6 -15.38 16.43 -24.75
CA LYS E 6 -15.62 17.86 -24.94
C LYS E 6 -14.35 18.71 -24.83
N GLN E 7 -13.49 18.36 -23.88
CA GLN E 7 -12.27 19.08 -23.55
C GLN E 7 -11.05 18.43 -24.23
N ARG E 8 -9.84 18.88 -23.88
CA ARG E 8 -8.62 18.52 -24.60
C ARG E 8 -7.45 18.40 -23.63
N ILE E 9 -6.65 17.33 -23.78
CA ILE E 9 -5.48 17.17 -22.91
C ILE E 9 -4.33 16.53 -23.71
N ASP E 10 -3.14 17.08 -23.50
CA ASP E 10 -1.93 16.64 -24.17
C ASP E 10 -1.12 15.79 -23.20
N LEU E 11 -0.91 14.52 -23.55
CA LEU E 11 -0.19 13.58 -22.70
C LEU E 11 0.97 12.97 -23.47
N ARG E 12 2.18 13.09 -22.91
CA ARG E 12 3.39 12.58 -23.53
C ARG E 12 3.94 11.45 -22.67
N LEU E 13 4.31 10.33 -23.31
CA LEU E 13 4.89 9.18 -22.62
C LEU E 13 6.14 8.60 -23.32
N THR E 14 6.60 7.42 -22.90
CA THR E 14 8.00 7.00 -23.08
C THR E 14 8.15 5.67 -23.80
N ASP E 15 7.23 5.31 -24.68
CA ASP E 15 7.31 4.07 -25.48
C ASP E 15 7.19 2.84 -24.60
N ASP E 16 7.62 2.96 -23.34
CA ASP E 16 7.48 1.89 -22.37
C ASP E 16 6.15 2.06 -21.68
N ASP E 17 5.90 3.27 -21.18
CA ASP E 17 4.58 3.61 -20.70
C ASP E 17 3.54 3.31 -21.76
N LYS E 18 3.79 3.69 -23.01
CA LYS E 18 2.75 3.50 -24.01
C LYS E 18 2.50 2.03 -24.29
N SER E 19 3.56 1.25 -24.48
CA SER E 19 3.38 -0.18 -24.71
C SER E 19 2.69 -0.84 -23.51
N MET E 20 3.03 -0.41 -22.30
CA MET E 20 2.45 -1.03 -21.12
C MET E 20 0.97 -0.69 -20.97
N ILE E 21 0.62 0.55 -21.28
CA ILE E 21 -0.78 0.94 -21.29
C ILE E 21 -1.55 0.19 -22.37
N GLU E 22 -0.96 0.02 -23.56
CA GLU E 22 -1.61 -0.76 -24.60
C GLU E 22 -1.85 -2.20 -24.15
N GLU E 23 -0.86 -2.79 -23.48
CA GLU E 23 -1.00 -4.18 -23.03
C GLU E 23 -2.11 -4.31 -22.02
N ALA E 24 -2.15 -3.40 -21.04
CA ALA E 24 -3.20 -3.45 -20.02
C ALA E 24 -4.57 -3.17 -20.61
N ALA E 25 -4.64 -2.23 -21.56
CA ALA E 25 -5.91 -1.93 -22.20
C ALA E 25 -6.43 -3.14 -22.99
N ALA E 26 -5.54 -3.84 -23.69
CA ALA E 26 -5.96 -5.05 -24.38
C ALA E 26 -6.41 -6.13 -23.38
N ILE E 27 -5.75 -6.22 -22.22
CA ILE E 27 -6.18 -7.24 -21.27
C ILE E 27 -7.61 -7.00 -20.83
N SER E 28 -7.99 -5.74 -20.64
CA SER E 28 -9.28 -5.42 -20.06
C SER E 28 -10.31 -5.03 -21.12
N ASN E 29 -10.06 -5.33 -22.39
CA ASN E 29 -11.06 -5.18 -23.46
C ASN E 29 -11.52 -3.73 -23.58
N GLN E 30 -10.56 -2.80 -23.55
CA GLN E 30 -10.86 -1.38 -23.65
C GLN E 30 -9.97 -0.73 -24.70
N SER E 31 -10.40 0.43 -25.17
CA SER E 31 -9.54 1.29 -25.96
C SER E 31 -8.41 1.81 -25.08
N VAL E 32 -7.38 2.34 -25.72
CA VAL E 32 -6.30 2.97 -24.95
C VAL E 32 -6.81 4.24 -24.29
N SER E 33 -7.74 4.96 -24.93
CA SER E 33 -8.34 6.14 -24.33
C SER E 33 -9.27 5.77 -23.19
N GLN E 34 -10.13 4.76 -23.40
CA GLN E 34 -10.99 4.33 -22.31
C GLN E 34 -10.16 3.96 -21.09
N PHE E 35 -9.03 3.26 -21.30
CA PHE E 35 -8.19 2.82 -20.21
C PHE E 35 -7.53 4.00 -19.50
N MET E 36 -6.97 4.93 -20.25
CA MET E 36 -6.37 6.09 -19.62
C MET E 36 -7.41 6.89 -18.83
N LEU E 37 -8.61 7.10 -19.41
CA LEU E 37 -9.64 7.88 -18.74
C LEU E 37 -10.14 7.17 -17.49
N ASN E 38 -10.46 5.88 -17.60
CA ASN E 38 -10.96 5.14 -16.45
C ASN E 38 -9.92 5.10 -15.34
N SER E 39 -8.64 4.91 -15.70
CA SER E 39 -7.58 4.91 -14.68
C SER E 39 -7.52 6.24 -13.96
N ALA E 40 -7.44 7.34 -14.71
CA ALA E 40 -7.42 8.67 -14.09
C ALA E 40 -8.68 8.92 -13.26
N SER E 41 -9.83 8.48 -13.76
CA SER E 41 -11.11 8.77 -13.10
C SER E 41 -11.22 8.03 -11.77
N GLN E 42 -10.96 6.71 -11.80
CA GLN E 42 -10.99 5.95 -10.56
C GLN E 42 -9.93 6.45 -9.58
N ARG E 43 -8.72 6.77 -10.07
CA ARG E 43 -7.69 7.25 -9.16
C ARG E 43 -8.08 8.59 -8.54
N ALA E 44 -8.61 9.52 -9.34
CA ALA E 44 -9.08 10.78 -8.81
C ALA E 44 -10.15 10.56 -7.76
N ALA E 45 -11.06 9.61 -7.99
CA ALA E 45 -12.04 9.25 -6.99
C ALA E 45 -11.37 8.84 -5.68
N GLU E 46 -10.48 7.85 -5.75
CA GLU E 46 -9.77 7.39 -4.57
C GLU E 46 -9.16 8.57 -3.82
N VAL E 47 -8.46 9.44 -4.54
CA VAL E 47 -7.65 10.48 -3.93
C VAL E 47 -8.55 11.52 -3.26
N ILE E 48 -9.66 11.87 -3.90
CA ILE E 48 -10.61 12.79 -3.27
C ILE E 48 -11.23 12.15 -2.03
N GLU E 49 -11.51 10.84 -2.07
CA GLU E 49 -12.07 10.16 -0.90
C GLU E 49 -11.11 10.20 0.27
N GLN E 50 -9.83 9.91 0.01
CA GLN E 50 -8.82 10.00 1.07
C GLN E 50 -8.76 11.41 1.63
N HIS E 51 -8.73 12.42 0.75
CA HIS E 51 -8.66 13.81 1.20
C HIS E 51 -9.84 14.14 2.09
N ARG E 52 -11.00 13.56 1.80
CA ARG E 52 -12.17 13.76 2.63
C ARG E 52 -11.99 13.14 4.01
N ARG E 53 -11.47 11.92 4.07
CA ARG E 53 -11.19 11.31 5.36
C ARG E 53 -10.23 12.16 6.18
N VAL E 54 -9.21 12.71 5.53
CA VAL E 54 -8.21 13.50 6.25
C VAL E 54 -8.84 14.78 6.79
N ILE E 55 -9.63 15.46 5.97
CA ILE E 55 -10.37 16.63 6.44
C ILE E 55 -11.22 16.27 7.66
N LEU E 56 -11.96 15.16 7.60
CA LEU E 56 -12.77 14.78 8.75
C LEU E 56 -11.90 14.49 9.97
N ASN E 57 -10.75 13.86 9.76
CA ASN E 57 -9.82 13.59 10.85
C ASN E 57 -9.38 14.89 11.50
N GLU E 58 -8.95 15.85 10.69
CA GLU E 58 -8.44 17.11 11.23
C GLU E 58 -9.52 17.93 11.89
N GLU E 59 -10.78 17.76 11.47
CA GLU E 59 -11.87 18.42 12.20
C GLU E 59 -12.08 17.80 13.56
N SER E 60 -12.07 16.47 13.67
CA SER E 60 -12.25 15.91 15.01
C SER E 60 -11.03 16.19 15.89
N TRP E 61 -9.83 16.23 15.29
CA TRP E 61 -8.66 16.74 15.99
C TRP E 61 -8.90 18.14 16.54
N THR E 62 -9.31 19.07 15.66
CA THR E 62 -9.61 20.41 16.10
C THR E 62 -10.63 20.43 17.24
N ARG E 63 -11.64 19.57 17.17
CA ARG E 63 -12.70 19.55 18.19
C ARG E 63 -12.14 19.12 19.54
N VAL E 64 -11.32 18.07 19.60
CA VAL E 64 -10.78 17.67 20.90
C VAL E 64 -9.81 18.72 21.42
N MET E 65 -8.96 19.26 20.55
CA MET E 65 -7.99 20.26 20.99
C MET E 65 -8.66 21.53 21.50
N ASP E 66 -9.82 21.89 20.95
CA ASP E 66 -10.59 22.99 21.51
C ASP E 66 -11.18 22.59 22.85
N ALA E 67 -11.73 21.38 22.93
CA ALA E 67 -12.27 20.94 24.21
C ALA E 67 -11.21 20.91 25.29
N LEU E 68 -9.96 20.57 24.95
CA LEU E 68 -8.88 20.57 25.94
C LEU E 68 -8.31 21.96 26.18
N SER E 69 -8.88 23.01 25.60
CA SER E 69 -8.40 24.36 25.91
C SER E 69 -9.26 24.94 27.02
N ASN E 70 -10.53 25.19 26.74
CA ASN E 70 -11.64 25.08 27.68
C ASN E 70 -12.93 25.53 27.02
N PRO E 71 -14.09 25.28 27.65
CA PRO E 71 -15.30 25.98 27.25
C PRO E 71 -15.26 27.46 27.64
N LYS F 6 29.17 17.73 -2.69
CA LYS F 6 28.06 18.33 -1.93
C LYS F 6 27.35 19.43 -2.72
N GLN F 7 26.10 19.18 -3.05
CA GLN F 7 25.30 20.05 -3.91
C GLN F 7 24.27 20.82 -3.08
N ARG F 8 23.64 21.80 -3.71
CA ARG F 8 22.65 22.64 -3.02
C ARG F 8 21.34 22.72 -3.79
N ILE F 9 20.24 22.37 -3.15
CA ILE F 9 18.90 22.47 -3.71
C ILE F 9 18.02 23.26 -2.74
N ASP F 10 17.24 24.19 -3.29
CA ASP F 10 16.32 24.97 -2.47
C ASP F 10 14.88 24.62 -2.79
N LEU F 11 14.05 24.57 -1.76
CA LEU F 11 12.63 24.30 -1.84
C LEU F 11 11.85 25.43 -1.24
N ARG F 12 10.69 25.75 -1.79
CA ARG F 12 9.84 26.77 -1.20
C ARG F 12 8.52 26.16 -0.75
N LEU F 13 8.13 26.46 0.47
CA LEU F 13 6.88 25.94 0.99
C LEU F 13 5.96 27.07 1.42
N THR F 14 4.80 26.65 1.92
CA THR F 14 3.83 27.51 2.56
C THR F 14 3.95 27.28 4.06
N ASP F 15 3.56 28.28 4.85
CA ASP F 15 3.71 28.17 6.30
C ASP F 15 3.04 26.91 6.85
N ASP F 16 1.93 26.48 6.26
CA ASP F 16 1.33 25.21 6.67
C ASP F 16 2.31 24.06 6.49
N ASP F 17 2.86 23.94 5.29
CA ASP F 17 3.80 22.86 5.02
C ASP F 17 5.03 22.97 5.91
N LYS F 18 5.63 24.15 6.02
CA LYS F 18 6.81 24.32 6.87
C LYS F 18 6.53 23.87 8.31
N SER F 19 5.48 24.41 8.92
CA SER F 19 5.17 24.03 10.29
C SER F 19 4.89 22.53 10.41
N MET F 20 4.29 21.92 9.37
CA MET F 20 4.07 20.49 9.40
C MET F 20 5.39 19.72 9.36
N ILE F 21 6.28 20.10 8.44
CA ILE F 21 7.59 19.46 8.35
C ILE F 21 8.32 19.57 9.68
N GLU F 22 8.21 20.73 10.35
CA GLU F 22 8.97 20.93 11.59
C GLU F 22 8.33 20.21 12.79
N GLU F 23 7.00 20.12 12.86
CA GLU F 23 6.37 19.19 13.79
C GLU F 23 6.92 17.78 13.57
N ALA F 24 6.93 17.32 12.30
CA ALA F 24 7.39 15.97 11.99
C ALA F 24 8.87 15.77 12.25
N ALA F 25 9.68 16.80 12.02
CA ALA F 25 11.10 16.78 12.35
C ALA F 25 11.32 16.64 13.85
N ALA F 26 10.75 17.56 14.63
CA ALA F 26 10.85 17.47 16.07
C ALA F 26 10.46 16.08 16.55
N ILE F 27 9.34 15.55 16.04
CA ILE F 27 8.86 14.25 16.49
C ILE F 27 9.93 13.18 16.28
N SER F 28 10.53 13.14 15.09
CA SER F 28 11.51 12.10 14.78
C SER F 28 12.94 12.52 15.13
N ASN F 29 13.11 13.41 16.10
CA ASN F 29 14.42 13.75 16.65
C ASN F 29 15.38 14.17 15.53
N GLN F 30 14.90 15.01 14.64
CA GLN F 30 15.73 15.45 13.53
C GLN F 30 15.56 16.95 13.32
N SER F 31 16.45 17.50 12.51
CA SER F 31 16.30 18.86 12.03
C SER F 31 15.40 18.89 10.79
N VAL F 32 14.96 20.09 10.44
CA VAL F 32 14.10 20.22 9.28
C VAL F 32 14.84 19.81 8.02
N SER F 33 16.09 20.29 7.86
CA SER F 33 16.94 19.89 6.74
C SER F 33 17.12 18.36 6.70
N GLN F 34 17.53 17.78 7.83
CA GLN F 34 17.72 16.33 7.88
C GLN F 34 16.42 15.60 7.52
N PHE F 35 15.29 16.06 8.07
CA PHE F 35 14.01 15.38 7.84
C PHE F 35 13.64 15.37 6.36
N MET F 36 13.78 16.52 5.70
CA MET F 36 13.35 16.60 4.30
C MET F 36 14.26 15.76 3.42
N LEU F 37 15.56 15.78 3.69
CA LEU F 37 16.47 14.97 2.90
C LEU F 37 16.19 13.49 3.08
N ASN F 38 15.98 13.05 4.33
CA ASN F 38 15.68 11.63 4.54
C ASN F 38 14.36 11.25 3.89
N SER F 39 13.36 12.12 3.94
CA SER F 39 12.08 11.81 3.32
C SER F 39 12.24 11.59 1.83
N ALA F 40 12.86 12.55 1.14
CA ALA F 40 13.07 12.41 -0.29
C ALA F 40 13.95 11.20 -0.63
N SER F 41 14.95 10.88 0.20
CA SER F 41 15.81 9.72 -0.08
C SER F 41 15.05 8.40 0.08
N GLN F 42 14.41 8.20 1.24
CA GLN F 42 13.59 7.01 1.43
C GLN F 42 12.60 6.84 0.28
N ARG F 43 11.91 7.93 -0.09
CA ARG F 43 10.86 7.79 -1.10
C ARG F 43 11.47 7.49 -2.47
N ALA F 44 12.56 8.18 -2.82
CA ALA F 44 13.32 7.82 -4.01
C ALA F 44 13.64 6.34 -4.04
N ALA F 45 14.10 5.80 -2.90
CA ALA F 45 14.42 4.39 -2.84
C ALA F 45 13.20 3.52 -3.13
N GLU F 46 12.05 3.83 -2.50
CA GLU F 46 10.83 3.04 -2.76
C GLU F 46 10.45 3.09 -4.24
N VAL F 47 10.43 4.30 -4.81
CA VAL F 47 9.99 4.49 -6.20
C VAL F 47 10.90 3.72 -7.15
N ILE F 48 12.20 3.80 -6.92
CA ILE F 48 13.17 3.18 -7.80
C ILE F 48 13.13 1.66 -7.65
N GLU F 49 12.91 1.16 -6.42
CA GLU F 49 12.83 -0.28 -6.26
C GLU F 49 11.58 -0.84 -6.95
N GLN F 50 10.45 -0.12 -6.86
CA GLN F 50 9.25 -0.56 -7.58
C GLN F 50 9.45 -0.52 -9.10
N HIS F 51 10.10 0.54 -9.61
CA HIS F 51 10.38 0.59 -11.03
C HIS F 51 11.26 -0.58 -11.45
N ARG F 52 12.27 -0.90 -10.63
CA ARG F 52 13.14 -2.03 -10.96
C ARG F 52 12.36 -3.33 -10.94
N ARG F 53 11.40 -3.47 -10.02
CA ARG F 53 10.55 -4.65 -10.02
C ARG F 53 9.81 -4.79 -11.35
N VAL F 54 9.29 -3.69 -11.89
CA VAL F 54 8.54 -3.89 -13.13
C VAL F 54 9.50 -4.13 -14.31
N ILE F 55 10.69 -3.54 -14.29
CA ILE F 55 11.67 -3.84 -15.34
C ILE F 55 12.07 -5.31 -15.28
N LEU F 56 12.27 -5.83 -14.08
CA LEU F 56 12.71 -7.21 -13.94
C LEU F 56 11.60 -8.19 -14.33
N ASN F 57 10.35 -7.89 -13.92
CA ASN F 57 9.21 -8.64 -14.43
C ASN F 57 9.18 -8.66 -15.96
N GLU F 58 9.39 -7.49 -16.59
CA GLU F 58 9.39 -7.45 -18.04
C GLU F 58 10.52 -8.29 -18.62
N GLU F 59 11.69 -8.25 -18.00
CA GLU F 59 12.78 -9.08 -18.49
C GLU F 59 12.40 -10.56 -18.44
N SER F 60 11.80 -10.99 -17.32
CA SER F 60 11.31 -12.37 -17.21
C SER F 60 10.32 -12.68 -18.31
N TRP F 61 9.32 -11.82 -18.46
CA TRP F 61 8.30 -12.02 -19.47
C TRP F 61 8.91 -12.19 -20.85
N THR F 62 9.88 -11.33 -21.18
CA THR F 62 10.49 -11.42 -22.49
C THR F 62 11.24 -12.74 -22.66
N ARG F 63 12.03 -13.16 -21.67
CA ARG F 63 12.74 -14.44 -21.76
C ARG F 63 11.76 -15.57 -22.04
N VAL F 64 10.68 -15.65 -21.27
CA VAL F 64 9.78 -16.79 -21.41
C VAL F 64 9.02 -16.69 -22.73
N MET F 65 8.53 -15.51 -23.10
CA MET F 65 7.77 -15.38 -24.33
C MET F 65 8.63 -15.63 -25.56
N ASP F 66 9.91 -15.25 -25.52
CA ASP F 66 10.84 -15.59 -26.58
C ASP F 66 11.03 -17.09 -26.66
N ALA F 67 11.12 -17.74 -25.49
CA ALA F 67 11.23 -19.20 -25.45
C ALA F 67 9.97 -19.87 -26.02
N LEU F 68 8.80 -19.25 -25.89
CA LEU F 68 7.56 -19.87 -26.37
C LEU F 68 7.28 -19.54 -27.82
N SER F 69 8.20 -18.93 -28.54
CA SER F 69 7.96 -18.52 -29.92
C SER F 69 8.83 -19.34 -30.85
N ASN F 70 8.22 -20.27 -31.57
CA ASN F 70 8.86 -20.98 -32.67
C ASN F 70 10.21 -21.59 -32.24
N PRO F 71 10.22 -22.39 -31.16
CA PRO F 71 11.52 -22.92 -30.70
C PRO F 71 11.89 -24.24 -31.36
#